data_1ODT
#
_entry.id   1ODT
#
_cell.length_a   157.167
_cell.length_b   157.170
_cell.length_c   132.098
_cell.angle_alpha   90.00
_cell.angle_beta   90.00
_cell.angle_gamma   120.00
#
_symmetry.space_group_name_H-M   'H 3 2'
#
loop_
_entity.id
_entity.type
_entity.pdbx_description
1 polymer 'CEPHALOSPORIN C DEACETYLASE'
2 non-polymer 'ACETATE ION'
3 water water
#
_entity_poly.entity_id   1
_entity_poly.type   'polypeptide(L)'
_entity_poly.pdbx_seq_one_letter_code
;MQLFDLPLDQLQTYKPEKTAPKDFSEFWKLSLEELAKVQAEPDLQPVDYPADGVKVYRLTYKSFGNARITGWYAVPDKEG
PHPAIVKYHGYNASYDGEIHEMVNWALHGYATFGMLVRGQQSSEDTSISPHGHALGWMTKGILDKDTYYYRGVYLDAVRA
LEVISSFDEVDETRIGVTGGAQGGGLTIAAAALSDIPKAAVADYPYLSNFERAIDVALEEPYLEINSFFRRNGSPETEVQ
AMKTLSYFDIMNLADRVKVPVLMSIGLIDKVTPPSTVFAAYNHLETKKELKVYRYFGHEYIPAFQTEKLAFFKQHLKG
;
_entity_poly.pdbx_strand_id   C,H
#
# COMPACT_ATOMS: atom_id res chain seq x y z
N MET A 1 10.84 4.57 24.69
CA MET A 1 11.03 5.61 25.76
C MET A 1 12.34 5.41 26.50
N GLN A 2 12.88 4.21 26.36
CA GLN A 2 14.02 3.80 27.18
C GLN A 2 14.92 2.89 26.36
N LEU A 3 16.16 2.76 26.80
CA LEU A 3 17.09 1.83 26.17
C LEU A 3 16.49 0.43 25.99
N PHE A 4 16.81 -0.21 24.87
CA PHE A 4 16.22 -1.49 24.51
C PHE A 4 17.12 -2.39 23.64
N ASP A 5 18.01 -1.82 22.84
CA ASP A 5 18.84 -2.57 21.93
C ASP A 5 20.15 -2.92 22.64
N LEU A 6 21.15 -3.36 21.87
CA LEU A 6 22.43 -3.68 22.41
C LEU A 6 22.98 -2.47 23.15
N PRO A 7 23.71 -2.68 24.22
CA PRO A 7 24.41 -1.56 24.87
C PRO A 7 25.38 -0.88 23.93
N LEU A 8 25.64 0.41 24.16
CA LEU A 8 26.43 1.20 23.24
C LEU A 8 27.82 0.59 22.96
N ASP A 9 28.48 0.04 23.97
CA ASP A 9 29.81 -0.54 23.74
C ASP A 9 29.76 -1.69 22.72
N GLN A 10 28.67 -2.44 22.72
CA GLN A 10 28.45 -3.50 21.75
C GLN A 10 27.99 -2.94 20.40
N LEU A 11 27.12 -1.93 20.40
CA LEU A 11 26.74 -1.27 19.15
C LEU A 11 27.95 -0.78 18.37
N GLN A 12 28.91 -0.21 19.08
CA GLN A 12 30.07 0.39 18.42
C GLN A 12 30.85 -0.60 17.59
N THR A 13 30.81 -1.88 17.95
CA THR A 13 31.56 -2.92 17.18
C THR A 13 30.65 -3.87 16.40
N TYR A 14 29.37 -3.52 16.33
CA TYR A 14 28.40 -4.35 15.62
C TYR A 14 28.54 -4.14 14.10
N LYS A 15 28.98 -5.20 13.43
CA LYS A 15 29.22 -5.17 11.99
C LYS A 15 28.93 -6.55 11.39
N PRO A 16 27.66 -6.79 11.07
CA PRO A 16 27.28 -8.09 10.52
C PRO A 16 27.90 -8.35 9.18
N GLU A 17 28.00 -9.62 8.82
CA GLU A 17 28.55 -9.99 7.53
C GLU A 17 27.62 -9.47 6.45
N LYS A 18 28.19 -9.03 5.33
CA LYS A 18 27.36 -8.63 4.20
C LYS A 18 26.51 -9.77 3.75
N THR A 19 25.30 -9.43 3.28
CA THR A 19 24.37 -10.44 2.78
C THR A 19 24.17 -10.30 1.26
N ALA A 20 24.97 -9.45 0.59
CA ALA A 20 24.85 -9.27 -0.84
C ALA A 20 25.06 -10.59 -1.56
N PRO A 21 24.12 -10.98 -2.41
CA PRO A 21 24.32 -12.14 -3.30
C PRO A 21 25.41 -11.90 -4.33
N LYS A 22 25.84 -12.99 -4.96
CA LYS A 22 26.91 -12.98 -5.95
C LYS A 22 26.65 -12.02 -7.10
N ASP A 23 25.40 -11.87 -7.49
CA ASP A 23 25.06 -10.98 -8.60
C ASP A 23 24.61 -9.57 -8.16
N PHE A 24 24.97 -9.14 -6.96
CA PHE A 24 24.56 -7.82 -6.42
C PHE A 24 25.01 -6.69 -7.32
N SER A 25 26.31 -6.66 -7.62
CA SER A 25 26.83 -5.55 -8.45
C SER A 25 26.19 -5.55 -9.83
N GLU A 26 26.04 -6.73 -10.42
CA GLU A 26 25.43 -6.86 -11.76
C GLU A 26 23.99 -6.41 -11.73
N PHE A 27 23.26 -6.75 -10.66
CA PHE A 27 21.89 -6.26 -10.54
C PHE A 27 21.80 -4.74 -10.61
N TRP A 28 22.63 -4.04 -9.84
CA TRP A 28 22.62 -2.60 -9.82
C TRP A 28 23.11 -1.99 -11.13
N LYS A 29 24.12 -2.59 -11.76
CA LYS A 29 24.59 -2.11 -13.07
C LYS A 29 23.43 -2.14 -14.09
N LEU A 30 22.72 -3.26 -14.13
CA LEU A 30 21.62 -3.49 -15.06
C LEU A 30 20.47 -2.52 -14.75
N SER A 31 20.20 -2.33 -13.46
CA SER A 31 19.16 -1.41 -13.00
C SER A 31 19.42 0.02 -13.46
N LEU A 32 20.65 0.49 -13.28
CA LEU A 32 21.01 1.84 -13.68
C LEU A 32 20.89 1.93 -15.22
N GLU A 33 21.24 0.83 -15.92
CA GLU A 33 21.11 0.82 -17.39
C GLU A 33 19.65 0.94 -17.80
N GLU A 34 18.75 0.34 -17.02
CA GLU A 34 17.32 0.46 -17.29
C GLU A 34 16.89 1.89 -17.09
N LEU A 35 17.38 2.51 -16.03
CA LEU A 35 17.06 3.92 -15.77
C LEU A 35 17.52 4.80 -16.94
N ALA A 36 18.72 4.54 -17.46
CA ALA A 36 19.34 5.42 -18.42
C ALA A 36 18.57 5.44 -19.72
N LYS A 37 17.82 4.37 -19.98
CA LYS A 37 16.99 4.29 -21.18
C LYS A 37 15.79 5.25 -21.16
N VAL A 38 15.39 5.76 -19.99
CA VAL A 38 14.28 6.74 -19.89
C VAL A 38 14.83 8.14 -19.92
N GLN A 39 14.46 8.92 -20.92
CA GLN A 39 14.82 10.34 -20.95
C GLN A 39 14.17 11.11 -19.79
N ALA A 40 14.95 11.94 -19.10
CA ALA A 40 14.45 12.61 -17.92
C ALA A 40 13.35 13.63 -18.22
N GLU A 41 13.48 14.36 -19.32
CA GLU A 41 12.48 15.33 -19.75
C GLU A 41 12.01 16.21 -18.59
N PRO A 42 12.93 16.87 -17.90
CA PRO A 42 12.56 17.62 -16.70
C PRO A 42 11.66 18.82 -17.03
N ASP A 43 10.77 19.16 -16.12
CA ASP A 43 9.84 20.26 -16.24
C ASP A 43 9.84 21.05 -14.89
N LEU A 44 10.11 22.35 -14.97
CA LEU A 44 9.97 23.26 -13.82
C LEU A 44 8.71 24.10 -13.98
N GLN A 45 7.83 24.09 -12.98
CA GLN A 45 6.61 24.92 -13.02
C GLN A 45 6.68 25.87 -11.80
N PRO A 46 6.81 27.17 -12.00
CA PRO A 46 6.87 28.09 -10.87
C PRO A 46 5.63 27.99 -9.96
N VAL A 47 5.84 28.32 -8.69
CA VAL A 47 4.86 28.20 -7.61
C VAL A 47 4.80 29.57 -6.93
N ASP A 48 3.60 30.03 -6.55
CA ASP A 48 3.43 31.19 -5.67
C ASP A 48 3.81 30.66 -4.25
N TYR A 49 4.66 31.39 -3.55
CA TYR A 49 5.00 31.02 -2.17
C TYR A 49 5.19 32.32 -1.41
N PRO A 50 4.66 32.44 -0.20
CA PRO A 50 4.74 33.70 0.52
C PRO A 50 6.12 33.97 1.18
N ALA A 51 7.14 34.19 0.35
CA ALA A 51 8.48 34.58 0.82
C ALA A 51 9.26 35.33 -0.27
N ASP A 52 10.16 36.21 0.18
CA ASP A 52 11.15 36.89 -0.63
C ASP A 52 12.47 36.18 -0.51
N GLY A 53 13.32 36.36 -1.49
CA GLY A 53 14.67 35.78 -1.46
C GLY A 53 14.81 34.38 -1.99
N VAL A 54 13.73 33.81 -2.51
CA VAL A 54 13.70 32.45 -3.02
C VAL A 54 12.71 32.37 -4.18
N LYS A 55 13.01 31.50 -5.13
CA LYS A 55 12.06 31.14 -6.17
C LYS A 55 11.74 29.68 -5.99
N VAL A 56 10.45 29.38 -6.04
CA VAL A 56 9.95 28.04 -5.75
C VAL A 56 9.29 27.45 -7.00
N TYR A 57 9.53 26.16 -7.22
CA TYR A 57 9.05 25.44 -8.39
C TYR A 57 8.53 24.06 -7.95
N ARG A 58 7.69 23.50 -8.82
CA ARG A 58 7.37 22.09 -8.86
C ARG A 58 8.25 21.49 -9.97
N LEU A 59 9.19 20.64 -9.58
CA LEU A 59 10.03 19.92 -10.55
C LEU A 59 9.41 18.53 -10.79
N THR A 60 9.22 18.21 -12.06
CA THR A 60 8.80 16.87 -12.45
C THR A 60 9.80 16.28 -13.44
N TYR A 61 10.14 15.00 -13.27
CA TYR A 61 10.96 14.30 -14.26
C TYR A 61 10.50 12.86 -14.45
N LYS A 62 10.96 12.23 -15.52
CA LYS A 62 10.61 10.85 -15.78
C LYS A 62 11.75 9.97 -15.32
N SER A 63 11.40 8.82 -14.77
CA SER A 63 12.40 7.92 -14.22
C SER A 63 12.09 6.47 -14.61
N PHE A 64 12.74 5.53 -13.94
CA PHE A 64 12.53 4.12 -14.18
C PHE A 64 11.05 3.75 -14.32
N GLY A 65 10.77 2.93 -15.34
CA GLY A 65 9.42 2.50 -15.58
C GLY A 65 8.52 3.60 -16.09
N ASN A 66 9.14 4.65 -16.62
CA ASN A 66 8.48 5.85 -17.11
C ASN A 66 7.62 6.54 -16.08
N ALA A 67 8.01 6.41 -14.83
CA ALA A 67 7.26 7.00 -13.72
C ALA A 67 7.51 8.52 -13.67
N ARG A 68 6.43 9.26 -13.39
CA ARG A 68 6.47 10.70 -13.17
C ARG A 68 6.83 10.97 -11.72
N ILE A 69 8.00 11.53 -11.50
CA ILE A 69 8.46 11.81 -10.16
C ILE A 69 8.52 13.31 -9.96
N THR A 70 8.08 13.77 -8.80
CA THR A 70 7.96 15.20 -8.57
C THR A 70 8.39 15.61 -7.17
N GLY A 71 8.42 16.92 -6.94
CA GLY A 71 8.70 17.48 -5.65
C GLY A 71 8.93 18.96 -5.79
N TRP A 72 9.02 19.64 -4.65
CA TRP A 72 9.30 21.06 -4.65
C TRP A 72 10.77 21.32 -4.83
N TYR A 73 11.10 22.36 -5.58
CA TYR A 73 12.47 22.75 -5.86
C TYR A 73 12.55 24.23 -5.58
N ALA A 74 13.40 24.58 -4.62
CA ALA A 74 13.53 25.97 -4.20
C ALA A 74 14.95 26.45 -4.40
N VAL A 75 15.06 27.66 -4.95
CA VAL A 75 16.31 28.25 -5.35
C VAL A 75 16.53 29.65 -4.75
N PRO A 76 17.72 29.92 -4.22
CA PRO A 76 18.05 31.28 -3.80
C PRO A 76 17.79 32.27 -4.94
N ASP A 77 17.14 33.38 -4.63
CA ASP A 77 16.84 34.42 -5.61
C ASP A 77 18.09 35.29 -5.73
N LYS A 78 19.10 34.74 -6.37
CA LYS A 78 20.38 35.42 -6.58
C LYS A 78 21.10 34.70 -7.72
N GLU A 79 22.12 35.31 -8.27
CA GLU A 79 22.79 34.71 -9.44
C GLU A 79 23.64 33.53 -8.95
N GLY A 80 23.53 32.43 -9.67
CA GLY A 80 24.25 31.23 -9.31
C GLY A 80 25.58 31.19 -10.01
N PRO A 81 26.14 29.99 -10.17
CA PRO A 81 25.53 28.71 -9.75
C PRO A 81 25.50 28.56 -8.23
N HIS A 82 24.63 27.69 -7.73
CA HIS A 82 24.43 27.50 -6.31
C HIS A 82 24.91 26.12 -5.92
N PRO A 83 25.33 25.94 -4.67
CA PRO A 83 25.41 24.59 -4.12
C PRO A 83 23.99 24.10 -4.01
N ALA A 84 23.80 22.79 -3.92
CA ALA A 84 22.52 22.19 -3.98
C ALA A 84 22.39 21.01 -3.05
N ILE A 85 21.15 20.70 -2.75
CA ILE A 85 20.77 19.54 -1.93
C ILE A 85 19.57 18.81 -2.57
N VAL A 86 19.67 17.48 -2.59
CA VAL A 86 18.52 16.66 -2.78
C VAL A 86 18.14 16.09 -1.41
N LYS A 87 16.92 16.35 -0.98
CA LYS A 87 16.42 15.89 0.31
C LYS A 87 15.36 14.80 0.09
N TYR A 88 15.53 13.68 0.81
CA TYR A 88 14.66 12.51 0.72
C TYR A 88 13.85 12.38 2.00
N HIS A 89 12.61 11.92 1.90
CA HIS A 89 11.71 11.93 3.05
C HIS A 89 11.42 10.55 3.69
N GLY A 90 10.89 10.60 4.89
CA GLY A 90 10.53 9.42 5.65
C GLY A 90 9.33 8.65 5.09
N TYR A 91 9.28 7.40 5.49
CA TYR A 91 8.26 6.44 5.07
C TYR A 91 6.88 6.96 5.39
N ASN A 92 6.10 7.20 4.35
CA ASN A 92 4.69 7.59 4.51
C ASN A 92 4.56 8.92 5.29
N ALA A 93 5.60 9.73 5.27
CA ALA A 93 5.73 10.83 6.24
C ALA A 93 5.89 12.19 5.55
N SER A 94 5.52 12.33 4.28
CA SER A 94 5.54 13.62 3.62
C SER A 94 4.14 14.24 3.59
N TYR A 95 4.01 15.44 4.15
CA TYR A 95 2.75 16.13 4.19
C TYR A 95 2.85 17.28 3.21
N ASP A 96 2.21 17.10 2.06
CA ASP A 96 2.28 18.06 0.95
C ASP A 96 3.73 18.42 0.58
N GLY A 97 4.61 17.43 0.71
CA GLY A 97 5.95 17.57 0.19
C GLY A 97 6.92 18.45 0.95
N GLU A 98 6.57 18.92 2.16
CA GLU A 98 7.51 19.67 3.03
C GLU A 98 8.01 20.93 2.32
N ILE A 99 7.07 21.66 1.69
CA ILE A 99 7.48 22.82 0.95
C ILE A 99 8.24 23.79 1.82
N HIS A 100 7.82 23.96 3.06
CA HIS A 100 8.40 24.99 3.90
C HIS A 100 9.85 24.65 4.24
N GLU A 101 10.14 23.36 4.40
CA GLU A 101 11.51 22.91 4.60
C GLU A 101 12.41 23.21 3.42
N MET A 102 11.92 22.93 2.22
CA MET A 102 12.71 23.18 1.01
C MET A 102 13.01 24.66 0.87
N VAL A 103 12.02 25.50 1.10
CA VAL A 103 12.22 26.95 1.05
C VAL A 103 13.30 27.37 2.02
N ASN A 104 13.32 26.79 3.22
CA ASN A 104 14.29 27.18 4.20
C ASN A 104 15.69 26.76 3.79
N TRP A 105 15.82 25.57 3.22
CA TRP A 105 17.10 25.14 2.66
C TRP A 105 17.58 26.13 1.57
N ALA A 106 16.66 26.64 0.74
CA ALA A 106 17.05 27.64 -0.27
C ALA A 106 17.46 28.94 0.38
N LEU A 107 16.80 29.34 1.46
CA LEU A 107 17.19 30.56 2.15
C LEU A 107 18.54 30.40 2.84
N HIS A 108 18.92 29.18 3.17
CA HIS A 108 20.27 28.86 3.65
C HIS A 108 21.31 28.86 2.51
N GLY A 109 20.86 29.04 1.26
CA GLY A 109 21.73 29.19 0.12
C GLY A 109 21.88 27.98 -0.79
N TYR A 110 21.05 26.96 -0.58
CA TYR A 110 21.06 25.76 -1.41
C TYR A 110 19.90 25.64 -2.36
N ALA A 111 20.19 25.41 -3.63
CA ALA A 111 19.16 24.99 -4.56
C ALA A 111 18.75 23.59 -4.12
N THR A 112 17.54 23.45 -3.67
CA THR A 112 17.09 22.25 -3.01
C THR A 112 15.87 21.59 -3.62
N PHE A 113 15.96 20.29 -3.87
CA PHE A 113 14.88 19.49 -4.43
C PHE A 113 14.49 18.44 -3.41
N GLY A 114 13.24 18.45 -2.99
CA GLY A 114 12.73 17.43 -2.09
C GLY A 114 12.03 16.35 -2.90
N MET A 115 12.73 15.32 -3.28
CA MET A 115 12.13 14.24 -4.06
C MET A 115 11.04 13.53 -3.26
N LEU A 116 9.88 13.45 -3.86
CA LEU A 116 8.76 12.76 -3.26
C LEU A 116 8.68 11.33 -3.75
N VAL A 117 8.49 10.39 -2.82
CA VAL A 117 8.65 8.97 -3.14
C VAL A 117 7.44 8.41 -3.85
N ARG A 118 7.72 7.79 -4.99
CA ARG A 118 6.72 7.17 -5.83
C ARG A 118 5.70 6.37 -5.02
N GLY A 119 4.42 6.69 -5.20
CA GLY A 119 3.39 5.95 -4.52
C GLY A 119 3.03 6.46 -3.13
N GLN A 120 3.93 7.20 -2.49
CA GLN A 120 3.70 7.72 -1.11
C GLN A 120 3.14 9.15 -1.11
N GLN A 121 3.69 10.01 -1.95
CA GLN A 121 3.33 11.39 -1.97
C GLN A 121 3.60 11.98 -3.36
N SER A 122 2.54 12.37 -4.04
CA SER A 122 2.60 13.06 -5.33
C SER A 122 3.15 12.28 -6.51
N SER A 123 4.32 11.67 -6.36
CA SER A 123 4.96 10.96 -7.42
C SER A 123 4.22 9.66 -7.71
N GLU A 124 4.29 9.27 -8.96
CA GLU A 124 3.65 8.07 -9.49
C GLU A 124 4.54 6.83 -9.35
N ASP A 125 3.96 5.72 -8.92
CA ASP A 125 4.64 4.40 -8.96
C ASP A 125 3.98 3.55 -10.05
N THR A 126 4.68 3.43 -11.17
CA THR A 126 4.22 2.64 -12.29
C THR A 126 4.51 1.16 -12.13
N SER A 127 5.26 0.76 -11.10
CA SER A 127 5.55 -0.66 -10.94
C SER A 127 4.27 -1.35 -10.38
N ILE A 128 3.97 -2.53 -10.89
CA ILE A 128 2.71 -3.18 -10.48
C ILE A 128 2.83 -3.89 -9.12
N SER A 129 1.72 -4.40 -8.58
CA SER A 129 1.81 -5.36 -7.47
C SER A 129 1.75 -6.79 -8.06
N PRO A 130 2.90 -7.44 -8.33
CA PRO A 130 2.93 -8.72 -9.04
C PRO A 130 2.34 -9.94 -8.30
N HIS A 131 2.36 -9.93 -6.97
CA HIS A 131 1.95 -11.09 -6.21
C HIS A 131 1.12 -10.87 -4.95
N GLY A 132 0.77 -9.65 -4.62
CA GLY A 132 0.01 -9.36 -3.41
C GLY A 132 0.96 -9.23 -2.22
N HIS A 133 0.64 -8.33 -1.33
CA HIS A 133 1.58 -8.02 -0.28
C HIS A 133 0.85 -7.51 0.95
N ALA A 134 1.57 -7.48 2.06
CA ALA A 134 1.05 -6.89 3.27
C ALA A 134 0.82 -5.39 3.12
N LEU A 135 -0.14 -4.90 3.88
CA LEU A 135 -0.45 -3.46 4.01
C LEU A 135 0.83 -2.65 4.07
N GLY A 136 0.98 -1.75 3.12
CA GLY A 136 2.15 -0.93 2.95
C GLY A 136 2.96 -1.19 1.70
N TRP A 137 4.15 -0.61 1.68
CA TRP A 137 5.02 -0.69 0.50
C TRP A 137 6.19 -1.64 0.73
N MET A 138 6.48 -2.00 1.96
CA MET A 138 7.71 -2.74 2.24
C MET A 138 7.79 -4.12 1.56
N THR A 139 6.66 -4.75 1.29
CA THR A 139 6.66 -6.08 0.68
C THR A 139 6.09 -6.14 -0.73
N LYS A 140 5.84 -4.97 -1.30
CA LYS A 140 5.39 -4.84 -2.69
C LYS A 140 6.49 -5.32 -3.64
N GLY A 141 6.22 -6.41 -4.35
CA GLY A 141 7.12 -6.98 -5.31
C GLY A 141 8.32 -7.68 -4.70
N ILE A 142 8.24 -7.99 -3.40
CA ILE A 142 9.36 -8.56 -2.63
C ILE A 142 9.81 -9.93 -3.11
N LEU A 143 9.01 -10.62 -3.91
CA LEU A 143 9.48 -11.96 -4.34
C LEU A 143 10.48 -11.92 -5.49
N ASP A 144 10.78 -10.75 -6.04
CA ASP A 144 11.79 -10.65 -7.10
C ASP A 144 12.49 -9.28 -7.00
N LYS A 145 13.82 -9.27 -7.00
CA LYS A 145 14.57 -8.00 -7.08
C LYS A 145 14.11 -7.05 -8.17
N ASP A 146 13.72 -7.58 -9.32
CA ASP A 146 13.35 -6.73 -10.45
C ASP A 146 12.04 -6.00 -10.23
N THR A 147 11.15 -6.59 -9.44
CA THR A 147 9.82 -6.01 -9.23
C THR A 147 9.70 -5.28 -7.89
N TYR A 148 10.75 -5.37 -7.07
CA TYR A 148 10.65 -4.88 -5.68
C TYR A 148 10.51 -3.35 -5.64
N TYR A 149 9.62 -2.88 -4.76
CA TYR A 149 9.32 -1.48 -4.63
C TYR A 149 10.52 -0.55 -4.60
N TYR A 150 11.55 -0.88 -3.83
CA TYR A 150 12.67 0.04 -3.67
C TYR A 150 13.61 0.10 -4.86
N ARG A 151 13.50 -0.83 -5.81
CA ARG A 151 14.27 -0.72 -7.02
C ARG A 151 13.97 0.60 -7.74
N GLY A 152 12.69 0.84 -7.99
CA GLY A 152 12.26 2.08 -8.63
C GLY A 152 12.60 3.31 -7.79
N VAL A 153 12.34 3.23 -6.49
CA VAL A 153 12.68 4.33 -5.57
C VAL A 153 14.16 4.72 -5.60
N TYR A 154 15.04 3.75 -5.48
CA TYR A 154 16.46 4.05 -5.47
C TYR A 154 16.89 4.68 -6.79
N LEU A 155 16.40 4.12 -7.89
CA LEU A 155 16.68 4.71 -9.20
C LEU A 155 16.14 6.13 -9.34
N ASP A 156 14.91 6.38 -8.87
CA ASP A 156 14.41 7.76 -8.81
C ASP A 156 15.34 8.69 -8.04
N ALA A 157 15.91 8.22 -6.96
CA ALA A 157 16.80 9.03 -6.12
C ALA A 157 18.11 9.40 -6.83
N VAL A 158 18.66 8.44 -7.57
CA VAL A 158 19.77 8.74 -8.48
C VAL A 158 19.33 9.72 -9.56
N ARG A 159 18.20 9.50 -10.19
CA ARG A 159 17.76 10.35 -11.28
C ARG A 159 17.57 11.81 -10.80
N ALA A 160 17.18 11.99 -9.54
CA ALA A 160 16.96 13.32 -8.97
C ALA A 160 18.28 14.07 -9.05
N LEU A 161 19.38 13.38 -8.72
CA LEU A 161 20.69 13.99 -8.75
C LEU A 161 21.10 14.34 -10.16
N GLU A 162 20.78 13.49 -11.13
CA GLU A 162 21.14 13.72 -12.51
C GLU A 162 20.40 14.94 -13.04
N VAL A 163 19.14 15.08 -12.65
CA VAL A 163 18.31 16.18 -13.09
C VAL A 163 18.80 17.52 -12.51
N ILE A 164 18.98 17.58 -11.18
CA ILE A 164 19.34 18.84 -10.53
C ILE A 164 20.73 19.25 -11.01
N SER A 165 21.64 18.29 -11.16
CA SER A 165 22.99 18.66 -11.56
C SER A 165 23.04 19.26 -12.97
N SER A 166 22.08 18.86 -13.81
CA SER A 166 21.97 19.34 -15.20
C SER A 166 21.52 20.79 -15.33
N PHE A 167 21.00 21.37 -14.23
CA PHE A 167 20.53 22.76 -14.25
C PHE A 167 21.71 23.75 -14.29
N ASP A 168 21.56 24.76 -15.15
CA ASP A 168 22.58 25.79 -15.29
C ASP A 168 22.89 26.45 -13.92
N GLU A 169 21.85 26.68 -13.13
CA GLU A 169 22.01 27.40 -11.87
C GLU A 169 22.55 26.55 -10.75
N VAL A 170 22.71 25.23 -10.93
CA VAL A 170 23.32 24.42 -9.89
C VAL A 170 24.74 24.01 -10.22
N ASP A 171 25.60 24.15 -9.22
CA ASP A 171 26.99 23.71 -9.32
C ASP A 171 27.00 22.20 -9.08
N GLU A 172 27.14 21.42 -10.16
CA GLU A 172 27.09 19.98 -10.08
C GLU A 172 28.20 19.41 -9.17
N THR A 173 29.23 20.19 -8.88
CA THR A 173 30.34 19.73 -8.01
C THR A 173 30.09 19.95 -6.52
N ARG A 174 29.01 20.66 -6.19
CA ARG A 174 28.67 20.93 -4.78
C ARG A 174 27.21 20.55 -4.43
N ILE A 175 26.88 19.28 -4.61
CA ILE A 175 25.54 18.76 -4.31
C ILE A 175 25.61 17.82 -3.11
N GLY A 176 24.82 18.09 -2.10
CA GLY A 176 24.61 17.17 -1.02
C GLY A 176 23.35 16.34 -1.15
N VAL A 177 23.34 15.23 -0.42
CA VAL A 177 22.15 14.41 -0.24
C VAL A 177 21.87 14.29 1.26
N THR A 178 20.61 14.38 1.61
CA THR A 178 20.17 14.26 3.01
C THR A 178 18.76 13.71 3.15
N GLY A 179 18.50 13.14 4.33
CA GLY A 179 17.19 12.77 4.72
C GLY A 179 17.22 11.92 5.95
N GLY A 180 16.04 11.68 6.52
CA GLY A 180 15.94 10.82 7.69
C GLY A 180 15.13 9.54 7.48
N ALA A 181 15.55 8.47 8.18
CA ALA A 181 14.80 7.20 8.20
C ALA A 181 14.80 6.68 6.77
N GLN A 182 13.66 6.50 6.12
CA GLN A 182 13.68 6.14 4.69
C GLN A 182 14.55 7.12 3.89
N GLY A 183 14.43 8.40 4.22
CA GLY A 183 15.24 9.46 3.64
C GLY A 183 16.75 9.28 3.84
N GLY A 184 17.15 8.81 5.00
CA GLY A 184 18.51 8.42 5.27
C GLY A 184 18.97 7.22 4.50
N GLY A 185 18.16 6.20 4.34
CA GLY A 185 18.60 5.07 3.54
C GLY A 185 18.69 5.49 2.07
N LEU A 186 17.78 6.35 1.59
CA LEU A 186 17.88 6.83 0.20
C LEU A 186 19.14 7.69 0.00
N THR A 187 19.53 8.41 1.03
CA THR A 187 20.74 9.17 1.05
C THR A 187 21.96 8.27 0.83
N ILE A 188 22.03 7.17 1.59
CA ILE A 188 23.15 6.28 1.48
C ILE A 188 23.09 5.53 0.15
N ALA A 189 21.88 5.10 -0.26
CA ALA A 189 21.75 4.41 -1.55
C ALA A 189 22.20 5.31 -2.72
N ALA A 190 21.74 6.55 -2.73
CA ALA A 190 22.10 7.51 -3.78
C ALA A 190 23.61 7.77 -3.86
N ALA A 191 24.27 7.94 -2.72
CA ALA A 191 25.71 8.14 -2.66
C ALA A 191 26.51 6.87 -3.03
N ALA A 192 25.91 5.70 -2.84
CA ALA A 192 26.53 4.43 -3.27
C ALA A 192 26.34 4.21 -4.78
N LEU A 193 25.26 4.73 -5.35
CA LEU A 193 24.88 4.40 -6.73
C LEU A 193 25.19 5.53 -7.73
N SER A 194 25.59 6.68 -7.22
CA SER A 194 25.87 7.84 -8.05
C SER A 194 27.15 8.52 -7.60
N ASP A 195 27.93 8.97 -8.57
CA ASP A 195 29.15 9.77 -8.33
C ASP A 195 28.83 11.27 -8.16
N ILE A 196 27.57 11.66 -8.28
CA ILE A 196 27.23 13.08 -8.24
C ILE A 196 27.40 13.74 -6.86
N PRO A 197 26.85 13.16 -5.79
CA PRO A 197 26.93 13.79 -4.47
C PRO A 197 28.33 14.03 -4.00
N LYS A 198 28.55 15.19 -3.42
CA LYS A 198 29.80 15.56 -2.76
C LYS A 198 29.88 15.18 -1.27
N ALA A 199 28.72 15.06 -0.64
CA ALA A 199 28.65 14.80 0.79
C ALA A 199 27.26 14.37 1.17
N ALA A 200 27.14 13.64 2.27
CA ALA A 200 25.89 13.04 2.66
C ALA A 200 25.64 13.17 4.16
N VAL A 201 24.42 13.55 4.49
CA VAL A 201 23.97 13.55 5.86
C VAL A 201 22.71 12.68 5.98
N ALA A 202 22.82 11.59 6.73
CA ALA A 202 21.71 10.65 6.92
C ALA A 202 21.25 10.54 8.38
N ASP A 203 20.02 10.98 8.68
CA ASP A 203 19.44 10.81 10.01
C ASP A 203 18.97 9.36 10.11
N TYR A 204 19.36 8.68 11.17
CA TYR A 204 18.85 7.37 11.56
C TYR A 204 18.30 6.55 10.38
N PRO A 205 19.18 6.16 9.47
CA PRO A 205 18.73 5.55 8.22
C PRO A 205 18.00 4.20 8.34
N TYR A 206 16.88 4.13 7.61
CA TYR A 206 16.10 2.92 7.40
C TYR A 206 16.67 2.06 6.25
N LEU A 207 16.12 0.85 6.09
CA LEU A 207 16.49 -0.07 5.01
C LEU A 207 17.85 -0.67 5.23
N SER A 208 18.12 -1.05 6.48
CA SER A 208 19.45 -1.49 6.88
C SER A 208 19.41 -2.74 7.78
N ASN A 209 20.27 -3.72 7.44
CA ASN A 209 20.44 -4.97 8.23
C ASN A 209 19.06 -5.60 8.46
N PHE A 210 18.37 -5.90 7.35
CA PHE A 210 17.00 -6.40 7.42
C PHE A 210 16.81 -7.61 8.35
N GLU A 211 17.76 -8.56 8.34
CA GLU A 211 17.61 -9.80 9.15
C GLU A 211 17.46 -9.48 10.63
N ARG A 212 18.23 -8.49 11.09
CA ARG A 212 18.14 -8.06 12.48
C ARG A 212 16.96 -7.15 12.72
N ALA A 213 16.69 -6.24 11.80
CA ALA A 213 15.64 -5.27 11.99
C ALA A 213 14.30 -5.93 12.28
N ILE A 214 13.98 -7.00 11.56
CA ILE A 214 12.64 -7.60 11.75
C ILE A 214 12.55 -8.38 13.07
N ASP A 215 13.70 -8.68 13.69
CA ASP A 215 13.74 -9.34 14.97
C ASP A 215 13.85 -8.41 16.19
N VAL A 216 14.22 -7.15 15.98
CA VAL A 216 14.49 -6.18 17.06
C VAL A 216 13.56 -4.97 17.03
N ALA A 217 13.10 -4.58 15.86
CA ALA A 217 12.15 -3.44 15.76
C ALA A 217 10.86 -3.69 16.56
N LEU A 218 10.33 -2.62 17.17
CA LEU A 218 9.14 -2.69 18.02
C LEU A 218 8.02 -1.80 17.53
N GLU A 219 8.23 -1.17 16.39
CA GLU A 219 7.23 -0.32 15.73
C GLU A 219 7.32 -0.59 14.24
N GLU A 220 6.31 -0.14 13.51
CA GLU A 220 6.32 -0.14 12.06
C GLU A 220 7.42 0.79 11.58
N PRO A 221 7.86 0.68 10.33
CA PRO A 221 7.33 -0.25 9.32
C PRO A 221 8.16 -1.47 8.96
N TYR A 222 9.30 -1.74 9.60
CA TYR A 222 10.01 -3.00 9.33
C TYR A 222 9.03 -4.16 9.51
N LEU A 223 8.09 -4.02 10.44
CA LEU A 223 7.24 -5.15 10.83
C LEU A 223 6.21 -5.54 9.79
N GLU A 224 6.12 -4.77 8.71
CA GLU A 224 5.35 -5.17 7.55
C GLU A 224 5.91 -6.46 6.93
N ILE A 225 7.21 -6.64 7.00
CA ILE A 225 7.83 -7.86 6.50
C ILE A 225 7.28 -9.06 7.29
N ASN A 226 7.28 -8.94 8.61
CA ASN A 226 6.72 -9.96 9.50
C ASN A 226 5.28 -10.23 9.10
N SER A 227 4.53 -9.18 8.87
CA SER A 227 3.14 -9.31 8.48
C SER A 227 3.00 -10.07 7.16
N PHE A 228 3.92 -9.83 6.23
CA PHE A 228 3.88 -10.53 4.96
C PHE A 228 4.13 -12.02 5.17
N PHE A 229 5.07 -12.37 6.03
CA PHE A 229 5.36 -13.77 6.30
C PHE A 229 4.20 -14.46 7.04
N ARG A 230 3.47 -13.71 7.87
CA ARG A 230 2.26 -14.29 8.44
C ARG A 230 1.24 -14.67 7.36
N ARG A 231 1.10 -13.84 6.33
CA ARG A 231 0.04 -14.01 5.31
C ARG A 231 0.49 -14.90 4.14
N ASN A 232 1.78 -15.23 4.09
CA ASN A 232 2.40 -16.01 3.01
C ASN A 232 3.46 -16.84 3.69
N GLY A 233 3.07 -18.03 4.16
CA GLY A 233 3.78 -18.76 5.20
C GLY A 233 4.79 -19.77 4.75
N SER A 234 4.89 -19.95 3.45
CA SER A 234 5.82 -20.93 2.92
C SER A 234 7.28 -20.61 3.29
N PRO A 235 8.04 -21.58 3.79
CA PRO A 235 9.46 -21.34 4.12
C PRO A 235 10.25 -20.77 2.91
N GLU A 236 9.90 -21.19 1.70
CA GLU A 236 10.59 -20.78 0.49
C GLU A 236 10.31 -19.31 0.17
N THR A 237 9.09 -18.83 0.45
CA THR A 237 8.73 -17.43 0.30
C THR A 237 9.60 -16.54 1.21
N GLU A 238 9.76 -16.96 2.45
CA GLU A 238 10.59 -16.20 3.39
C GLU A 238 12.06 -16.10 2.93
N VAL A 239 12.64 -17.22 2.52
CA VAL A 239 14.02 -17.24 1.99
C VAL A 239 14.18 -16.30 0.75
N GLN A 240 13.23 -16.39 -0.20
CA GLN A 240 13.21 -15.51 -1.39
C GLN A 240 13.10 -14.03 -0.98
N ALA A 241 12.16 -13.73 -0.09
CA ALA A 241 11.91 -12.37 0.36
C ALA A 241 13.15 -11.75 1.00
N MET A 242 13.83 -12.49 1.87
CA MET A 242 15.07 -11.99 2.51
C MET A 242 16.17 -11.79 1.47
N LYS A 243 16.24 -12.67 0.49
CA LYS A 243 17.21 -12.50 -0.56
C LYS A 243 16.96 -11.23 -1.39
N THR A 244 15.70 -11.01 -1.79
CA THR A 244 15.34 -9.79 -2.49
C THR A 244 15.75 -8.54 -1.69
N LEU A 245 15.34 -8.50 -0.43
CA LEU A 245 15.75 -7.43 0.48
C LEU A 245 17.26 -7.18 0.50
N SER A 246 18.07 -8.22 0.39
CA SER A 246 19.49 -8.01 0.50
C SER A 246 20.09 -7.18 -0.61
N TYR A 247 19.43 -7.11 -1.78
CA TYR A 247 19.95 -6.22 -2.84
C TYR A 247 19.72 -4.74 -2.52
N PHE A 248 18.79 -4.43 -1.61
CA PHE A 248 18.48 -3.05 -1.24
C PHE A 248 18.98 -2.61 0.14
N ASP A 249 19.56 -3.52 0.89
CA ASP A 249 19.97 -3.29 2.26
C ASP A 249 21.16 -2.35 2.19
N ILE A 250 21.06 -1.17 2.78
CA ILE A 250 22.09 -0.20 2.65
C ILE A 250 23.38 -0.64 3.32
N MET A 251 23.34 -1.59 4.25
CA MET A 251 24.61 -2.10 4.77
C MET A 251 25.45 -2.78 3.68
N ASN A 252 24.80 -3.31 2.66
CA ASN A 252 25.49 -3.91 1.52
C ASN A 252 25.95 -2.89 0.46
N LEU A 253 25.25 -1.77 0.37
CA LEU A 253 25.63 -0.67 -0.50
C LEU A 253 26.72 0.21 0.10
N ALA A 254 26.83 0.22 1.43
CA ALA A 254 27.54 1.26 2.14
C ALA A 254 29.03 1.37 1.76
N ASP A 255 29.67 0.24 1.48
CA ASP A 255 31.09 0.21 1.13
C ASP A 255 31.38 0.86 -0.23
N ARG A 256 30.32 1.23 -0.95
CA ARG A 256 30.45 1.92 -2.24
C ARG A 256 30.56 3.44 -2.11
N VAL A 257 30.18 3.97 -0.95
CA VAL A 257 30.16 5.41 -0.70
C VAL A 257 31.59 5.93 -0.54
N LYS A 258 31.92 7.00 -1.25
CA LYS A 258 33.28 7.50 -1.23
C LYS A 258 33.39 8.97 -0.87
N VAL A 259 32.29 9.55 -0.44
CA VAL A 259 32.26 10.94 0.04
C VAL A 259 32.06 10.99 1.57
N PRO A 260 32.32 12.12 2.18
CA PRO A 260 32.09 12.26 3.64
C PRO A 260 30.63 12.04 4.01
N VAL A 261 30.41 11.33 5.12
CA VAL A 261 29.07 10.99 5.59
C VAL A 261 28.98 11.39 7.07
N LEU A 262 27.90 12.05 7.41
CA LEU A 262 27.52 12.35 8.77
C LEU A 262 26.21 11.63 9.00
N MET A 263 26.06 10.95 10.14
CA MET A 263 24.91 10.14 10.41
C MET A 263 24.54 10.34 11.86
N SER A 264 23.25 10.18 12.16
CA SER A 264 22.75 10.23 13.54
C SER A 264 22.03 8.98 13.93
N ILE A 265 22.02 8.72 15.23
CA ILE A 265 21.16 7.67 15.78
C ILE A 265 20.72 8.07 17.18
N GLY A 266 19.46 7.87 17.49
CA GLY A 266 18.96 8.03 18.84
C GLY A 266 18.82 6.67 19.50
N LEU A 267 19.27 6.55 20.72
CA LEU A 267 19.38 5.22 21.33
C LEU A 267 18.08 4.59 21.75
N ILE A 268 16.99 5.35 21.74
CA ILE A 268 15.67 4.81 22.12
C ILE A 268 14.75 4.62 20.92
N ASP A 269 15.32 4.68 19.73
CA ASP A 269 14.58 4.59 18.48
C ASP A 269 14.21 3.11 18.22
N LYS A 270 12.91 2.85 18.24
CA LYS A 270 12.36 1.52 18.07
C LYS A 270 11.84 1.23 16.67
N VAL A 271 11.93 2.24 15.81
CA VAL A 271 11.52 2.18 14.42
C VAL A 271 12.71 1.75 13.57
N THR A 272 13.81 2.52 13.68
CA THR A 272 15.14 2.20 13.10
C THR A 272 16.09 1.93 14.25
N PRO A 273 16.10 0.68 14.70
CA PRO A 273 16.84 0.32 15.91
C PRO A 273 18.34 0.67 15.80
N PRO A 274 18.94 1.10 16.90
CA PRO A 274 20.35 1.47 16.91
C PRO A 274 21.27 0.46 16.24
N SER A 275 21.08 -0.82 16.52
CA SER A 275 21.93 -1.84 15.95
C SER A 275 21.92 -1.75 14.43
N THR A 276 20.74 -1.54 13.82
CA THR A 276 20.68 -1.54 12.35
C THR A 276 21.40 -0.36 11.75
N VAL A 277 21.37 0.76 12.47
CA VAL A 277 22.05 1.97 12.00
C VAL A 277 23.56 1.84 12.18
N PHE A 278 24.01 1.35 13.34
CA PHE A 278 25.43 1.02 13.52
C PHE A 278 25.94 0.06 12.45
N ALA A 279 25.10 -0.87 12.03
CA ALA A 279 25.52 -1.81 10.98
C ALA A 279 25.85 -1.08 9.68
N ALA A 280 24.99 -0.18 9.24
CA ALA A 280 25.26 0.64 8.05
C ALA A 280 26.51 1.48 8.20
N TYR A 281 26.61 2.15 9.33
CA TYR A 281 27.70 3.05 9.61
C TYR A 281 29.02 2.31 9.57
N ASN A 282 29.03 1.12 10.16
CA ASN A 282 30.25 0.33 10.30
C ASN A 282 30.68 -0.30 8.99
N HIS A 283 29.80 -0.34 8.01
CA HIS A 283 30.18 -0.85 6.70
C HIS A 283 30.66 0.23 5.77
N LEU A 284 30.50 1.50 6.17
CA LEU A 284 31.07 2.62 5.43
C LEU A 284 32.60 2.56 5.50
N GLU A 285 33.23 2.78 4.36
CA GLU A 285 34.68 2.86 4.26
C GLU A 285 34.98 4.20 3.59
N THR A 286 34.78 5.27 4.34
CA THR A 286 34.95 6.63 3.84
C THR A 286 35.09 7.56 5.07
N LYS A 287 35.30 8.84 4.81
CA LYS A 287 35.30 9.84 5.87
C LYS A 287 33.91 9.88 6.49
N LYS A 288 33.83 9.62 7.79
CA LYS A 288 32.51 9.41 8.40
C LYS A 288 32.45 9.79 9.85
N GLU A 289 31.26 10.15 10.29
CA GLU A 289 31.03 10.40 11.72
C GLU A 289 29.60 10.03 12.06
N LEU A 290 29.44 9.37 13.21
CA LEU A 290 28.14 9.01 13.74
C LEU A 290 27.88 9.76 15.03
N LYS A 291 26.83 10.56 15.05
CA LYS A 291 26.40 11.28 16.22
C LYS A 291 25.32 10.47 16.92
N VAL A 292 25.60 10.12 18.17
CA VAL A 292 24.75 9.26 18.96
C VAL A 292 24.08 10.10 20.03
N TYR A 293 22.74 10.07 20.04
CA TYR A 293 21.93 10.81 21.00
C TYR A 293 21.17 9.85 21.92
N ARG A 294 21.65 9.75 23.16
CA ARG A 294 21.13 8.84 24.15
C ARG A 294 19.63 8.96 24.36
N TYR A 295 19.11 10.18 24.42
CA TYR A 295 17.74 10.45 24.92
C TYR A 295 16.72 10.68 23.81
N PHE A 296 17.16 10.54 22.56
CA PHE A 296 16.29 10.74 21.42
C PHE A 296 15.94 9.42 20.74
N GLY A 297 14.75 9.40 20.16
CA GLY A 297 14.30 8.29 19.31
C GLY A 297 14.18 8.64 17.85
N HIS A 298 13.06 8.24 17.25
CA HIS A 298 12.79 8.44 15.81
C HIS A 298 12.16 9.77 15.56
N GLU A 299 13.00 10.80 15.55
CA GLU A 299 12.49 12.16 15.66
C GLU A 299 13.57 13.19 15.38
N TYR A 300 13.12 14.42 15.18
CA TYR A 300 13.97 15.58 15.00
C TYR A 300 14.88 15.75 16.19
N ILE A 301 16.18 15.85 15.93
CA ILE A 301 17.17 16.05 16.98
C ILE A 301 17.80 17.43 16.77
N PRO A 302 17.46 18.42 17.63
CA PRO A 302 17.96 19.79 17.42
C PRO A 302 19.46 19.90 17.29
N ALA A 303 20.23 19.23 18.15
CA ALA A 303 21.71 19.30 18.12
C ALA A 303 22.23 18.82 16.80
N PHE A 304 21.57 17.82 16.21
CA PHE A 304 22.05 17.25 14.96
C PHE A 304 21.77 18.20 13.80
N GLN A 305 20.77 19.05 13.94
CA GLN A 305 20.49 20.02 12.90
C GLN A 305 21.69 20.96 12.80
N THR A 306 22.21 21.37 13.93
CA THR A 306 23.43 22.19 13.97
C THR A 306 24.60 21.48 13.30
N GLU A 307 24.77 20.20 13.62
CA GLU A 307 25.83 19.38 13.00
C GLU A 307 25.65 19.33 11.48
N LYS A 308 24.41 19.16 11.02
CA LYS A 308 24.09 19.00 9.60
C LYS A 308 24.40 20.29 8.84
N LEU A 309 23.95 21.42 9.39
CA LEU A 309 24.19 22.69 8.73
C LEU A 309 25.69 23.03 8.62
N ALA A 310 26.43 22.73 9.68
CA ALA A 310 27.88 22.97 9.72
C ALA A 310 28.62 22.08 8.74
N PHE A 311 28.20 20.83 8.63
CA PHE A 311 28.77 19.82 7.73
C PHE A 311 28.53 20.27 6.27
N PHE A 312 27.30 20.63 5.92
CA PHE A 312 27.07 21.05 4.54
C PHE A 312 27.77 22.38 4.20
N LYS A 313 27.86 23.28 5.15
CA LYS A 313 28.54 24.55 4.93
C LYS A 313 30.03 24.25 4.64
N GLN A 314 30.60 23.38 5.45
CA GLN A 314 31.99 22.95 5.27
C GLN A 314 32.24 22.31 3.88
N HIS A 315 31.40 21.36 3.48
CA HIS A 315 31.62 20.57 2.29
C HIS A 315 31.09 21.17 0.98
N LEU A 316 30.04 21.99 1.05
CA LEU A 316 29.37 22.54 -0.18
C LEU A 316 29.52 24.06 -0.51
N LYS A 317 30.01 24.77 0.52
CA LYS A 317 30.18 26.22 0.45
C LYS A 317 31.66 26.59 0.60
N MET B 1 -15.35 -1.70 22.67
CA MET B 1 -15.79 -2.55 23.77
C MET B 1 -17.23 -2.25 24.17
N GLN B 2 -17.72 -1.07 23.80
CA GLN B 2 -18.99 -0.56 24.30
C GLN B 2 -19.71 0.21 23.21
N LEU B 3 -21.02 0.31 23.35
CA LEU B 3 -21.85 1.14 22.49
C LEU B 3 -21.23 2.52 22.26
N PHE B 4 -21.36 3.06 21.05
CA PHE B 4 -20.73 4.34 20.69
C PHE B 4 -21.37 5.10 19.52
N ASP B 5 -22.12 4.41 18.66
CA ASP B 5 -22.69 4.99 17.46
C ASP B 5 -24.13 5.37 17.82
N LEU B 6 -24.96 5.69 16.83
CA LEU B 6 -26.33 6.09 17.06
C LEU B 6 -27.06 4.96 17.78
N PRO B 7 -27.99 5.31 18.64
CA PRO B 7 -28.79 4.29 19.31
C PRO B 7 -29.63 3.52 18.25
N LEU B 8 -30.01 2.30 18.57
CA LEU B 8 -30.73 1.45 17.63
C LEU B 8 -31.92 2.08 16.93
N ASP B 9 -32.76 2.80 17.67
CA ASP B 9 -33.97 3.36 17.05
C ASP B 9 -33.59 4.36 15.94
N GLN B 10 -32.48 5.06 16.11
CA GLN B 10 -31.95 5.95 15.09
C GLN B 10 -31.30 5.23 13.91
N LEU B 11 -30.57 4.17 14.19
CA LEU B 11 -29.96 3.33 13.17
C LEU B 11 -31.02 2.76 12.23
N GLN B 12 -32.16 2.38 12.80
CA GLN B 12 -33.20 1.72 12.03
C GLN B 12 -33.74 2.60 10.93
N THR B 13 -33.74 3.92 11.16
CA THR B 13 -34.23 4.83 10.13
C THR B 13 -33.12 5.66 9.52
N TYR B 14 -31.86 5.25 9.69
CA TYR B 14 -30.74 6.02 9.15
C TYR B 14 -30.56 5.65 7.68
N LYS B 15 -30.92 6.60 6.80
CA LYS B 15 -30.88 6.39 5.35
C LYS B 15 -30.43 7.66 4.66
N PRO B 16 -29.12 7.86 4.62
CA PRO B 16 -28.58 9.11 4.05
C PRO B 16 -28.95 9.23 2.58
N GLU B 17 -29.02 10.44 2.05
CA GLU B 17 -29.28 10.60 0.63
C GLU B 17 -28.19 9.91 -0.18
N LYS B 18 -28.55 9.25 -1.27
CA LYS B 18 -27.51 8.75 -2.14
C LYS B 18 -26.58 9.86 -2.59
N THR B 19 -25.31 9.52 -2.74
CA THR B 19 -24.29 10.46 -3.19
C THR B 19 -23.79 10.17 -4.59
N ALA B 20 -24.46 9.27 -5.31
CA ALA B 20 -24.04 8.88 -6.66
C ALA B 20 -24.08 10.07 -7.60
N PRO B 21 -23.00 10.39 -8.32
CA PRO B 21 -23.06 11.44 -9.36
C PRO B 21 -23.99 11.07 -10.51
N LYS B 22 -24.32 12.05 -11.35
CA LYS B 22 -25.24 11.81 -12.46
C LYS B 22 -24.72 10.77 -13.45
N ASP B 23 -23.41 10.58 -13.54
CA ASP B 23 -22.84 9.63 -14.48
C ASP B 23 -22.44 8.31 -13.82
N PHE B 24 -23.09 8.00 -12.69
CA PHE B 24 -22.78 6.80 -11.89
C PHE B 24 -23.03 5.51 -12.68
N SER B 25 -24.22 5.41 -13.28
CA SER B 25 -24.60 4.23 -14.07
C SER B 25 -23.71 4.06 -15.28
N GLU B 26 -23.41 5.17 -15.97
CA GLU B 26 -22.59 5.12 -17.18
C GLU B 26 -21.16 4.66 -16.82
N PHE B 27 -20.66 5.09 -15.68
CA PHE B 27 -19.34 4.70 -15.24
C PHE B 27 -19.27 3.19 -15.07
N TRP B 28 -20.27 2.61 -14.44
CA TRP B 28 -20.33 1.17 -14.23
C TRP B 28 -20.53 0.42 -15.54
N LYS B 29 -21.36 0.93 -16.44
CA LYS B 29 -21.54 0.30 -17.73
C LYS B 29 -20.21 0.27 -18.49
N LEU B 30 -19.47 1.38 -18.41
CA LEU B 30 -18.23 1.51 -19.14
C LEU B 30 -17.15 0.61 -18.51
N SER B 31 -17.17 0.49 -17.18
CA SER B 31 -16.22 -0.36 -16.44
C SER B 31 -16.46 -1.84 -16.76
N LEU B 32 -17.75 -2.21 -16.88
CA LEU B 32 -18.10 -3.56 -17.28
C LEU B 32 -17.67 -3.85 -18.71
N GLU B 33 -17.74 -2.84 -19.57
CA GLU B 33 -17.28 -2.98 -20.95
C GLU B 33 -15.79 -3.22 -21.01
N GLU B 34 -15.04 -2.55 -20.15
CA GLU B 34 -13.57 -2.72 -20.11
C GLU B 34 -13.21 -4.13 -19.65
N LEU B 35 -13.90 -4.61 -18.63
CA LEU B 35 -13.74 -5.98 -18.14
C LEU B 35 -13.99 -7.00 -19.25
N ALA B 36 -15.04 -6.74 -20.04
CA ALA B 36 -15.53 -7.67 -21.05
C ALA B 36 -14.51 -7.84 -22.15
N LYS B 37 -13.66 -6.82 -22.35
CA LYS B 37 -12.62 -6.87 -23.37
C LYS B 37 -11.51 -7.86 -23.03
N VAL B 38 -11.40 -8.26 -21.78
CA VAL B 38 -10.35 -9.19 -21.34
C VAL B 38 -10.87 -10.64 -21.29
N GLN B 39 -10.30 -11.52 -22.08
CA GLN B 39 -10.71 -12.93 -22.06
C GLN B 39 -10.30 -13.52 -20.73
N ALA B 40 -11.25 -14.18 -20.05
CA ALA B 40 -11.00 -14.74 -18.73
C ALA B 40 -9.86 -15.77 -18.69
N GLU B 41 -9.80 -16.63 -19.71
CA GLU B 41 -8.77 -17.68 -19.81
C GLU B 41 -8.51 -18.41 -18.50
N PRO B 42 -9.56 -18.96 -17.89
CA PRO B 42 -9.44 -19.64 -16.61
C PRO B 42 -8.53 -20.87 -16.69
N ASP B 43 -7.79 -21.08 -15.61
CA ASP B 43 -6.82 -22.17 -15.48
C ASP B 43 -7.04 -22.80 -14.09
N LEU B 44 -7.31 -24.10 -14.06
CA LEU B 44 -7.42 -24.89 -12.82
C LEU B 44 -6.19 -25.78 -12.64
N GLN B 45 -5.54 -25.68 -11.51
CA GLN B 45 -4.38 -26.48 -11.19
C GLN B 45 -4.69 -27.29 -9.94
N PRO B 46 -4.80 -28.61 -10.08
CA PRO B 46 -5.07 -29.46 -8.92
C PRO B 46 -4.02 -29.30 -7.82
N VAL B 47 -4.51 -29.43 -6.58
CA VAL B 47 -3.74 -29.36 -5.34
C VAL B 47 -4.01 -30.65 -4.53
N ASP B 48 -2.96 -31.25 -3.97
CA ASP B 48 -3.07 -32.36 -3.03
C ASP B 48 -3.37 -31.71 -1.68
N TYR B 49 -4.54 -31.99 -1.14
CA TYR B 49 -4.99 -31.45 0.12
C TYR B 49 -5.36 -32.66 1.05
N PRO B 50 -5.03 -32.60 2.34
CA PRO B 50 -5.24 -33.75 3.25
C PRO B 50 -6.69 -33.87 3.74
N ALA B 51 -7.62 -34.11 2.82
CA ALA B 51 -9.02 -34.39 3.11
C ALA B 51 -9.59 -35.28 2.02
N ASP B 52 -10.55 -36.12 2.38
CA ASP B 52 -11.33 -36.89 1.42
C ASP B 52 -12.64 -36.14 1.20
N GLY B 53 -13.28 -36.41 0.08
CA GLY B 53 -14.60 -35.87 -0.21
C GLY B 53 -14.64 -34.56 -0.94
N VAL B 54 -13.45 -34.09 -1.30
CA VAL B 54 -13.28 -32.85 -2.01
C VAL B 54 -12.08 -32.90 -2.93
N LYS B 55 -12.21 -32.17 -4.02
CA LYS B 55 -11.15 -31.87 -4.93
C LYS B 55 -10.79 -30.39 -4.82
N VAL B 56 -9.51 -30.12 -4.73
CA VAL B 56 -9.03 -28.78 -4.46
C VAL B 56 -8.15 -28.38 -5.59
N TYR B 57 -8.32 -27.12 -6.01
CA TYR B 57 -7.59 -26.49 -7.11
C TYR B 57 -7.14 -25.07 -6.78
N ARG B 58 -6.11 -24.64 -7.49
CA ARG B 58 -5.79 -23.22 -7.62
C ARG B 58 -6.42 -22.72 -8.93
N LEU B 59 -7.36 -21.78 -8.83
CA LEU B 59 -8.05 -21.21 -9.99
C LEU B 59 -7.42 -19.85 -10.30
N THR B 60 -7.05 -19.63 -11.56
CA THR B 60 -6.52 -18.35 -11.99
C THR B 60 -7.28 -17.93 -13.21
N TYR B 61 -7.63 -16.66 -13.26
CA TYR B 61 -8.22 -16.05 -14.45
C TYR B 61 -7.70 -14.64 -14.67
N LYS B 62 -8.00 -14.06 -15.84
CA LYS B 62 -7.61 -12.72 -16.17
C LYS B 62 -8.79 -11.78 -16.07
N SER B 63 -8.50 -10.54 -15.69
CA SER B 63 -9.55 -9.61 -15.35
C SER B 63 -9.16 -8.24 -15.84
N PHE B 64 -9.93 -7.25 -15.40
CA PHE B 64 -9.68 -5.86 -15.70
C PHE B 64 -8.20 -5.53 -15.60
N GLY B 65 -7.72 -4.83 -16.62
CA GLY B 65 -6.34 -4.45 -16.68
C GLY B 65 -5.37 -5.60 -16.86
N ASN B 66 -5.89 -6.68 -17.44
CA ASN B 66 -5.15 -7.90 -17.69
C ASN B 66 -4.52 -8.48 -16.45
N ALA B 67 -5.18 -8.28 -15.31
CA ALA B 67 -4.63 -8.72 -14.03
C ALA B 67 -4.89 -10.20 -13.84
N ARG B 68 -3.88 -10.89 -13.30
CA ARG B 68 -3.99 -12.29 -12.93
C ARG B 68 -4.61 -12.40 -11.54
N ILE B 69 -5.84 -12.88 -11.48
CA ILE B 69 -6.49 -13.03 -10.17
C ILE B 69 -6.66 -14.53 -9.87
N THR B 70 -6.49 -14.90 -8.61
CA THR B 70 -6.39 -16.29 -8.24
C THR B 70 -7.07 -16.53 -6.88
N GLY B 71 -7.17 -17.79 -6.54
CA GLY B 71 -7.72 -18.24 -5.27
C GLY B 71 -7.87 -19.73 -5.25
N TRP B 72 -8.18 -20.24 -4.08
CA TRP B 72 -8.55 -21.62 -3.93
C TRP B 72 -9.99 -21.87 -4.35
N TYR B 73 -10.16 -22.99 -5.03
CA TYR B 73 -11.43 -23.46 -5.54
C TYR B 73 -11.59 -24.90 -5.11
N ALA B 74 -12.60 -25.20 -4.28
CA ALA B 74 -12.81 -26.54 -3.76
C ALA B 74 -14.17 -27.02 -4.16
N VAL B 75 -14.22 -28.30 -4.54
CA VAL B 75 -15.40 -28.91 -5.15
C VAL B 75 -15.76 -30.21 -4.46
N PRO B 76 -17.03 -30.41 -4.12
CA PRO B 76 -17.46 -31.72 -3.61
C PRO B 76 -17.05 -32.83 -4.57
N ASP B 77 -16.45 -33.89 -4.03
CA ASP B 77 -16.00 -34.99 -4.86
C ASP B 77 -17.15 -35.96 -5.08
N LYS B 78 -18.05 -35.51 -5.94
CA LYS B 78 -19.22 -36.27 -6.31
C LYS B 78 -19.82 -35.61 -7.56
N GLU B 79 -20.76 -36.32 -8.16
CA GLU B 79 -21.39 -35.92 -9.41
C GLU B 79 -22.13 -34.59 -9.20
N GLY B 80 -21.89 -33.64 -10.10
CA GLY B 80 -22.55 -32.36 -10.11
C GLY B 80 -23.83 -32.38 -10.96
N PRO B 81 -24.31 -31.22 -11.38
CA PRO B 81 -23.75 -29.92 -11.01
C PRO B 81 -24.03 -29.55 -9.55
N HIS B 82 -23.18 -28.70 -8.99
CA HIS B 82 -23.21 -28.34 -7.58
C HIS B 82 -23.71 -26.91 -7.42
N PRO B 83 -24.39 -26.60 -6.32
CA PRO B 83 -24.53 -25.18 -5.96
C PRO B 83 -23.12 -24.65 -5.72
N ALA B 84 -22.95 -23.34 -5.78
CA ALA B 84 -21.61 -22.77 -5.67
C ALA B 84 -21.63 -21.50 -4.86
N ILE B 85 -20.48 -21.17 -4.30
CA ILE B 85 -20.29 -19.92 -3.55
C ILE B 85 -19.01 -19.24 -4.00
N VAL B 86 -19.10 -17.93 -4.18
CA VAL B 86 -17.92 -17.13 -4.27
C VAL B 86 -17.77 -16.35 -2.96
N LYS B 87 -16.63 -16.57 -2.31
CA LYS B 87 -16.31 -16.00 -1.00
C LYS B 87 -15.24 -14.91 -1.16
N TYR B 88 -15.55 -13.72 -0.62
CA TYR B 88 -14.64 -12.56 -0.64
C TYR B 88 -14.11 -12.28 0.75
N HIS B 89 -12.87 -11.82 0.87
CA HIS B 89 -12.20 -11.71 2.15
C HIS B 89 -12.00 -10.27 2.62
N GLY B 90 -11.69 -10.17 3.90
CA GLY B 90 -11.49 -8.91 4.56
C GLY B 90 -10.23 -8.17 4.14
N TYR B 91 -10.21 -6.90 4.41
CA TYR B 91 -9.09 -6.00 4.11
C TYR B 91 -7.77 -6.44 4.72
N ASN B 92 -6.79 -6.75 3.90
CA ASN B 92 -5.47 -7.16 4.36
C ASN B 92 -5.57 -8.40 5.25
N ALA B 93 -6.61 -9.22 5.07
CA ALA B 93 -6.96 -10.22 6.10
C ALA B 93 -6.96 -11.65 5.60
N SER B 94 -6.28 -11.89 4.48
CA SER B 94 -6.19 -13.21 3.95
C SER B 94 -4.82 -13.79 4.28
N TYR B 95 -4.83 -14.97 4.87
CA TYR B 95 -3.62 -15.65 5.25
C TYR B 95 -3.55 -16.92 4.41
N ASP B 96 -2.66 -16.90 3.43
CA ASP B 96 -2.56 -17.96 2.43
C ASP B 96 -3.89 -18.37 1.82
N GLY B 97 -4.81 -17.40 1.69
CA GLY B 97 -6.04 -17.62 0.95
C GLY B 97 -7.15 -18.45 1.58
N GLU B 98 -7.07 -18.72 2.89
CA GLU B 98 -8.14 -19.43 3.59
C GLU B 98 -8.46 -20.77 2.93
N ILE B 99 -7.41 -21.54 2.57
CA ILE B 99 -7.64 -22.80 1.88
C ILE B 99 -8.54 -23.74 2.68
N HIS B 100 -8.39 -23.72 4.00
CA HIS B 100 -9.12 -24.65 4.85
C HIS B 100 -10.60 -24.30 4.90
N GLU B 101 -10.89 -23.03 4.92
CA GLU B 101 -12.28 -22.54 4.85
C GLU B 101 -12.96 -22.93 3.54
N MET B 102 -12.25 -22.78 2.43
CA MET B 102 -12.82 -23.11 1.11
C MET B 102 -13.14 -24.61 1.02
N VAL B 103 -12.23 -25.43 1.55
CA VAL B 103 -12.45 -26.86 1.62
C VAL B 103 -13.69 -27.16 2.45
N ASN B 104 -13.83 -26.48 3.58
CA ASN B 104 -14.99 -26.74 4.44
C ASN B 104 -16.29 -26.35 3.75
N TRP B 105 -16.26 -25.28 2.96
CA TRP B 105 -17.45 -24.90 2.21
C TRP B 105 -17.79 -26.02 1.22
N ALA B 106 -16.78 -26.63 0.64
CA ALA B 106 -17.03 -27.71 -0.32
C ALA B 106 -17.56 -28.95 0.37
N LEU B 107 -17.11 -29.21 1.61
CA LEU B 107 -17.60 -30.36 2.36
C LEU B 107 -19.03 -30.12 2.80
N HIS B 108 -19.43 -28.87 2.91
CA HIS B 108 -20.84 -28.50 3.10
C HIS B 108 -21.67 -28.65 1.81
N GLY B 109 -21.02 -28.91 0.69
CA GLY B 109 -21.66 -29.23 -0.59
C GLY B 109 -21.64 -28.15 -1.65
N TYR B 110 -20.83 -27.12 -1.46
CA TYR B 110 -20.77 -25.98 -2.37
C TYR B 110 -19.41 -25.94 -3.08
N ALA B 111 -19.45 -25.89 -4.41
CA ALA B 111 -18.26 -25.59 -5.19
C ALA B 111 -17.92 -24.15 -4.88
N THR B 112 -16.78 -23.94 -4.26
CA THR B 112 -16.47 -22.66 -3.64
C THR B 112 -15.13 -22.12 -4.05
N PHE B 113 -15.14 -20.88 -4.51
CA PHE B 113 -13.94 -20.12 -4.87
C PHE B 113 -13.80 -18.89 -3.96
N GLY B 114 -12.64 -18.79 -3.34
CA GLY B 114 -12.28 -17.67 -2.52
C GLY B 114 -11.38 -16.73 -3.30
N MET B 115 -12.00 -15.74 -3.92
CA MET B 115 -11.26 -14.78 -4.69
C MET B 115 -10.30 -14.02 -3.80
N LEU B 116 -9.02 -14.03 -4.18
CA LEU B 116 -8.03 -13.29 -3.42
C LEU B 116 -7.89 -11.89 -4.03
N VAL B 117 -7.86 -10.88 -3.20
CA VAL B 117 -7.93 -9.51 -3.70
C VAL B 117 -6.61 -9.01 -4.24
N ARG B 118 -6.66 -8.50 -5.49
CA ARG B 118 -5.53 -7.94 -6.18
C ARG B 118 -4.71 -7.03 -5.28
N GLY B 119 -3.40 -7.31 -5.24
CA GLY B 119 -2.49 -6.56 -4.40
C GLY B 119 -2.44 -6.91 -2.90
N GLN B 120 -3.46 -7.59 -2.35
CA GLN B 120 -3.50 -7.92 -0.93
C GLN B 120 -2.97 -9.32 -0.68
N GLN B 121 -3.38 -10.28 -1.51
CA GLN B 121 -3.02 -11.67 -1.29
C GLN B 121 -3.06 -12.39 -2.63
N SER B 122 -1.89 -12.88 -3.02
CA SER B 122 -1.67 -13.69 -4.22
C SER B 122 -1.96 -13.02 -5.57
N SER B 123 -3.16 -12.47 -5.74
CA SER B 123 -3.55 -11.86 -6.99
C SER B 123 -2.78 -10.57 -7.29
N GLU B 124 -2.58 -10.31 -8.57
CA GLU B 124 -1.82 -9.20 -9.10
C GLU B 124 -2.75 -7.99 -9.23
N ASP B 125 -2.27 -6.84 -8.77
CA ASP B 125 -2.88 -5.55 -9.10
C ASP B 125 -2.02 -4.84 -10.16
N THR B 126 -2.50 -4.81 -11.41
CA THR B 126 -1.82 -4.13 -12.50
C THR B 126 -2.13 -2.63 -12.59
N SER B 127 -3.08 -2.15 -11.78
CA SER B 127 -3.41 -0.75 -11.79
C SER B 127 -2.28 0.04 -11.12
N ILE B 128 -1.89 1.18 -11.69
CA ILE B 128 -0.71 1.90 -11.16
C ILE B 128 -1.08 2.74 -9.93
N SER B 129 -0.09 3.39 -9.29
CA SER B 129 -0.35 4.47 -8.32
C SER B 129 -0.12 5.82 -9.06
N PRO B 130 -1.16 6.45 -9.58
CA PRO B 130 -1.05 7.62 -10.46
C PRO B 130 -0.59 8.88 -9.71
N HIS B 131 -0.86 8.98 -8.42
CA HIS B 131 -0.60 10.23 -7.68
C HIS B 131 0.00 10.15 -6.27
N GLY B 132 0.28 8.97 -5.74
CA GLY B 132 0.79 8.87 -4.39
C GLY B 132 -0.40 8.85 -3.43
N HIS B 133 -0.31 8.03 -2.40
CA HIS B 133 -1.45 7.80 -1.52
C HIS B 133 -0.98 7.53 -0.10
N ALA B 134 -1.89 7.64 0.88
CA ALA B 134 -1.60 7.20 2.24
C ALA B 134 -1.36 5.70 2.29
N LEU B 135 -0.62 5.27 3.29
CA LEU B 135 -0.29 3.85 3.51
C LEU B 135 -1.56 3.00 3.46
N GLY B 136 -1.56 2.00 2.59
CA GLY B 136 -2.73 1.17 2.34
C GLY B 136 -3.24 1.27 0.92
N TRP B 137 -4.40 0.69 0.69
CA TRP B 137 -5.02 0.63 -0.62
C TRP B 137 -6.18 1.61 -0.72
N MET B 138 -6.70 2.09 0.40
CA MET B 138 -7.98 2.84 0.36
C MET B 138 -7.93 4.11 -0.45
N THR B 139 -6.75 4.72 -0.58
CA THR B 139 -6.60 5.98 -1.29
C THR B 139 -5.78 5.86 -2.57
N LYS B 140 -5.44 4.61 -2.90
CA LYS B 140 -4.77 4.35 -4.16
C LYS B 140 -5.65 4.70 -5.38
N GLY B 141 -5.21 5.68 -6.18
CA GLY B 141 -5.97 6.13 -7.33
C GLY B 141 -7.21 6.93 -7.02
N ILE B 142 -7.35 7.40 -5.79
CA ILE B 142 -8.56 8.04 -5.36
C ILE B 142 -8.90 9.34 -6.06
N LEU B 143 -7.97 9.93 -6.80
CA LEU B 143 -8.29 11.19 -7.45
C LEU B 143 -9.09 11.05 -8.78
N ASP B 144 -9.43 9.83 -9.16
CA ASP B 144 -10.15 9.58 -10.42
C ASP B 144 -10.82 8.20 -10.33
N LYS B 145 -12.12 8.15 -10.59
CA LYS B 145 -12.87 6.92 -10.60
C LYS B 145 -12.19 5.84 -11.47
N ASP B 146 -11.57 6.22 -12.57
CA ASP B 146 -11.03 5.27 -13.53
C ASP B 146 -9.79 4.60 -13.00
N THR B 147 -9.07 5.28 -12.10
CA THR B 147 -7.82 4.75 -11.56
C THR B 147 -7.98 4.18 -10.15
N TYR B 148 -9.14 4.31 -9.56
CA TYR B 148 -9.30 3.97 -8.14
C TYR B 148 -9.21 2.46 -7.89
N TYR B 149 -8.50 2.09 -6.83
CA TYR B 149 -8.23 0.72 -6.50
C TYR B 149 -9.40 -0.22 -6.61
N TYR B 150 -10.54 0.16 -6.03
CA TYR B 150 -11.68 -0.75 -5.98
C TYR B 150 -12.43 -0.87 -7.30
N ARG B 151 -12.06 -0.09 -8.30
CA ARG B 151 -12.61 -0.33 -9.64
C ARG B 151 -12.19 -1.72 -10.13
N GLY B 152 -10.90 -1.97 -10.16
CA GLY B 152 -10.39 -3.28 -10.50
C GLY B 152 -10.92 -4.39 -9.60
N VAL B 153 -10.97 -4.16 -8.31
CA VAL B 153 -11.42 -5.15 -7.36
C VAL B 153 -12.88 -5.52 -7.62
N TYR B 154 -13.74 -4.53 -7.83
CA TYR B 154 -15.13 -4.85 -8.08
C TYR B 154 -15.30 -5.66 -9.36
N LEU B 155 -14.60 -5.26 -10.40
CA LEU B 155 -14.63 -5.99 -11.65
C LEU B 155 -14.10 -7.43 -11.51
N ASP B 156 -13.01 -7.61 -10.77
CA ASP B 156 -12.54 -8.96 -10.46
C ASP B 156 -13.61 -9.81 -9.76
N ALA B 157 -14.36 -9.16 -8.86
CA ALA B 157 -15.42 -9.88 -8.12
C ALA B 157 -16.55 -10.34 -9.05
N VAL B 158 -16.90 -9.50 -10.06
CA VAL B 158 -17.87 -9.89 -11.10
C VAL B 158 -17.30 -11.00 -11.96
N ARG B 159 -16.04 -10.85 -12.36
CA ARG B 159 -15.37 -11.87 -13.20
C ARG B 159 -15.32 -13.24 -12.52
N ALA B 160 -15.17 -13.26 -11.21
CA ALA B 160 -15.15 -14.53 -10.45
C ALA B 160 -16.48 -15.28 -10.67
N LEU B 161 -17.58 -14.55 -10.59
CA LEU B 161 -18.89 -15.14 -10.82
C LEU B 161 -19.03 -15.67 -12.25
N GLU B 162 -18.54 -14.92 -13.23
CA GLU B 162 -18.63 -15.33 -14.63
C GLU B 162 -17.85 -16.62 -14.84
N VAL B 163 -16.68 -16.72 -14.20
CA VAL B 163 -15.80 -17.84 -14.40
C VAL B 163 -16.42 -19.09 -13.77
N ILE B 164 -16.81 -18.99 -12.50
CA ILE B 164 -17.37 -20.14 -11.79
C ILE B 164 -18.66 -20.62 -12.45
N SER B 165 -19.52 -19.70 -12.86
CA SER B 165 -20.77 -20.11 -13.48
C SER B 165 -20.51 -20.88 -14.78
N SER B 166 -19.38 -20.59 -15.46
CA SER B 166 -19.08 -21.20 -16.74
C SER B 166 -18.61 -22.67 -16.63
N PHE B 167 -18.29 -23.14 -15.43
CA PHE B 167 -17.83 -24.51 -15.26
C PHE B 167 -19.02 -25.47 -15.36
N ASP B 168 -18.78 -26.60 -16.04
CA ASP B 168 -19.81 -27.63 -16.24
C ASP B 168 -20.32 -28.17 -14.90
N GLU B 169 -19.45 -28.22 -13.89
CA GLU B 169 -19.81 -28.83 -12.62
C GLU B 169 -20.50 -27.88 -11.67
N VAL B 170 -20.69 -26.62 -12.06
CA VAL B 170 -21.45 -25.73 -11.21
C VAL B 170 -22.76 -25.34 -11.85
N ASP B 171 -23.78 -25.48 -11.05
CA ASP B 171 -25.10 -25.04 -11.40
C ASP B 171 -25.15 -23.52 -11.29
N GLU B 172 -25.05 -22.87 -12.46
CA GLU B 172 -25.08 -21.41 -12.61
C GLU B 172 -26.36 -20.77 -12.03
N THR B 173 -27.41 -21.54 -11.80
CA THR B 173 -28.66 -20.95 -11.25
C THR B 173 -28.70 -21.01 -9.74
N ARG B 174 -27.65 -21.51 -9.11
CA ARG B 174 -27.58 -21.64 -7.65
C ARG B 174 -26.19 -21.27 -7.10
N ILE B 175 -25.80 -20.03 -7.37
CA ILE B 175 -24.58 -19.42 -6.89
C ILE B 175 -24.83 -18.33 -5.86
N GLY B 176 -24.23 -18.46 -4.70
CA GLY B 176 -24.24 -17.41 -3.70
C GLY B 176 -22.96 -16.63 -3.62
N VAL B 177 -23.07 -15.42 -3.06
CA VAL B 177 -21.89 -14.63 -2.76
C VAL B 177 -21.86 -14.34 -1.28
N THR B 178 -20.67 -14.40 -0.67
CA THR B 178 -20.53 -14.08 0.73
C THR B 178 -19.18 -13.53 1.09
N GLY B 179 -19.13 -12.85 2.22
CA GLY B 179 -17.90 -12.32 2.75
C GLY B 179 -18.21 -11.36 3.85
N GLY B 180 -17.19 -11.03 4.62
CA GLY B 180 -17.30 -10.06 5.70
C GLY B 180 -16.41 -8.85 5.53
N ALA B 181 -16.93 -7.71 5.98
CA ALA B 181 -16.23 -6.41 5.98
C ALA B 181 -15.88 -6.03 4.53
N GLN B 182 -14.63 -5.95 4.14
CA GLN B 182 -14.31 -5.75 2.73
C GLN B 182 -15.03 -6.83 1.92
N GLY B 183 -14.99 -8.06 2.39
CA GLY B 183 -15.66 -9.16 1.71
C GLY B 183 -17.18 -8.95 1.62
N GLY B 184 -17.76 -8.32 2.62
CA GLY B 184 -19.19 -7.99 2.59
C GLY B 184 -19.56 -6.86 1.62
N GLY B 185 -18.70 -5.86 1.53
CA GLY B 185 -18.84 -4.84 0.51
C GLY B 185 -18.73 -5.41 -0.88
N LEU B 186 -17.75 -6.29 -1.10
CA LEU B 186 -17.66 -6.96 -2.41
C LEU B 186 -18.85 -7.84 -2.72
N THR B 187 -19.42 -8.48 -1.71
CA THR B 187 -20.66 -9.24 -1.88
C THR B 187 -21.83 -8.38 -2.45
N ILE B 188 -22.02 -7.23 -1.83
CA ILE B 188 -23.06 -6.30 -2.26
C ILE B 188 -22.74 -5.73 -3.65
N ALA B 189 -21.50 -5.35 -3.87
CA ALA B 189 -21.07 -4.84 -5.16
C ALA B 189 -21.29 -5.88 -6.26
N ALA B 190 -20.91 -7.14 -6.00
CA ALA B 190 -21.01 -8.18 -7.00
C ALA B 190 -22.52 -8.42 -7.30
N ALA B 191 -23.33 -8.44 -6.27
CA ALA B 191 -24.75 -8.62 -6.48
C ALA B 191 -25.42 -7.45 -7.20
N ALA B 192 -24.81 -6.26 -7.08
CA ALA B 192 -25.35 -5.08 -7.74
C ALA B 192 -24.93 -5.01 -9.20
N LEU B 193 -23.75 -5.54 -9.50
CA LEU B 193 -23.13 -5.42 -10.81
C LEU B 193 -23.33 -6.65 -11.71
N SER B 194 -23.86 -7.73 -11.14
CA SER B 194 -24.00 -9.01 -11.83
C SER B 194 -25.33 -9.66 -11.53
N ASP B 195 -25.96 -10.24 -12.56
CA ASP B 195 -27.21 -10.96 -12.39
C ASP B 195 -26.97 -12.44 -12.05
N ILE B 196 -25.72 -12.86 -11.91
CA ILE B 196 -25.41 -14.25 -11.69
C ILE B 196 -25.80 -14.75 -10.27
N PRO B 197 -25.46 -14.04 -9.20
CA PRO B 197 -25.85 -14.51 -7.84
C PRO B 197 -27.34 -14.71 -7.63
N LYS B 198 -27.68 -15.75 -6.87
CA LYS B 198 -29.03 -16.07 -6.50
C LYS B 198 -29.35 -15.50 -5.12
N ALA B 199 -28.34 -15.36 -4.28
CA ALA B 199 -28.55 -14.85 -2.92
C ALA B 199 -27.19 -14.42 -2.36
N ALA B 200 -27.25 -13.59 -1.33
CA ALA B 200 -26.05 -12.94 -0.82
C ALA B 200 -26.10 -12.84 0.68
N VAL B 201 -24.96 -13.12 1.30
CA VAL B 201 -24.76 -12.90 2.74
C VAL B 201 -23.53 -12.02 2.95
N ALA B 202 -23.76 -10.87 3.57
CA ALA B 202 -22.72 -9.90 3.89
C ALA B 202 -22.55 -9.63 5.40
N ASP B 203 -21.43 -10.05 5.96
CA ASP B 203 -21.13 -9.75 7.35
C ASP B 203 -20.62 -8.31 7.36
N TYR B 204 -21.16 -7.54 8.29
CA TYR B 204 -20.76 -6.20 8.57
C TYR B 204 -20.03 -5.52 7.40
N PRO B 205 -20.75 -5.20 6.32
CA PRO B 205 -20.06 -4.73 5.11
C PRO B 205 -19.33 -3.41 5.24
N TYR B 206 -18.16 -3.41 4.63
CA TYR B 206 -17.30 -2.24 4.48
C TYR B 206 -17.58 -1.55 3.15
N LEU B 207 -16.99 -0.35 2.98
CA LEU B 207 -17.10 0.44 1.75
C LEU B 207 -18.47 1.08 1.64
N SER B 208 -18.98 1.58 2.76
CA SER B 208 -20.36 2.06 2.85
C SER B 208 -20.44 3.44 3.56
N ASN B 209 -21.21 4.34 2.95
CA ASN B 209 -21.49 5.70 3.47
C ASN B 209 -20.19 6.40 3.91
N PHE B 210 -19.25 6.56 2.96
CA PHE B 210 -17.93 7.07 3.26
C PHE B 210 -17.93 8.39 4.01
N GLU B 211 -18.88 9.28 3.71
CA GLU B 211 -18.86 10.58 4.38
C GLU B 211 -19.06 10.47 5.89
N ARG B 212 -19.91 9.53 6.30
CA ARG B 212 -20.07 9.25 7.72
C ARG B 212 -18.96 8.37 8.28
N ALA B 213 -18.52 7.39 7.52
CA ALA B 213 -17.49 6.45 7.97
C ALA B 213 -16.26 7.16 8.48
N ILE B 214 -15.77 8.14 7.72
CA ILE B 214 -14.52 8.79 8.10
C ILE B 214 -14.68 9.73 9.31
N ASP B 215 -15.93 10.07 9.68
CA ASP B 215 -16.27 10.93 10.85
C ASP B 215 -16.62 10.13 12.13
N VAL B 216 -16.88 8.81 12.01
CA VAL B 216 -17.37 7.98 13.12
C VAL B 216 -16.43 6.78 13.41
N ALA B 217 -15.78 6.22 12.40
CA ALA B 217 -14.87 5.10 12.64
C ALA B 217 -13.80 5.46 13.65
N LEU B 218 -13.40 4.49 14.46
CA LEU B 218 -12.38 4.71 15.46
C LEU B 218 -11.18 3.80 15.27
N GLU B 219 -11.20 3.03 14.21
CA GLU B 219 -10.13 2.10 13.89
C GLU B 219 -9.88 2.17 12.39
N GLU B 220 -8.73 1.67 11.98
CA GLU B 220 -8.46 1.45 10.57
C GLU B 220 -9.49 0.48 9.97
N PRO B 221 -9.67 0.46 8.64
CA PRO B 221 -8.93 1.26 7.67
C PRO B 221 -9.71 2.40 7.01
N TYR B 222 -10.93 2.75 7.42
CA TYR B 222 -11.55 3.94 6.83
C TYR B 222 -10.64 5.18 7.02
N LEU B 223 -9.91 5.20 8.13
CA LEU B 223 -9.13 6.35 8.53
C LEU B 223 -7.91 6.57 7.63
N GLU B 224 -7.60 5.62 6.75
CA GLU B 224 -6.63 5.89 5.67
C GLU B 224 -7.02 7.10 4.84
N ILE B 225 -8.31 7.34 4.67
CA ILE B 225 -8.80 8.46 3.90
C ILE B 225 -8.45 9.74 4.62
N ASN B 226 -8.70 9.75 5.93
CA ASN B 226 -8.32 10.85 6.78
C ASN B 226 -6.82 11.10 6.68
N SER B 227 -6.02 10.03 6.69
CA SER B 227 -4.60 10.16 6.61
C SER B 227 -4.16 10.81 5.29
N PHE B 228 -4.85 10.45 4.21
CA PHE B 228 -4.57 10.99 2.90
C PHE B 228 -4.90 12.50 2.89
N PHE B 229 -6.00 12.90 3.48
CA PHE B 229 -6.29 14.33 3.55
C PHE B 229 -5.31 15.14 4.40
N ARG B 230 -4.71 14.51 5.41
CA ARG B 230 -3.68 15.14 6.20
C ARG B 230 -2.44 15.39 5.35
N ARG B 231 -2.12 14.42 4.49
CA ARG B 231 -0.91 14.48 3.64
C ARG B 231 -1.09 15.24 2.33
N ASN B 232 -2.34 15.52 1.98
CA ASN B 232 -2.69 16.13 0.71
C ASN B 232 -3.84 17.10 1.00
N GLY B 233 -3.52 18.29 1.48
CA GLY B 233 -4.45 19.14 2.20
C GLY B 233 -5.36 20.04 1.40
N SER B 234 -5.20 20.03 0.09
CA SER B 234 -5.97 20.96 -0.72
C SER B 234 -7.48 20.70 -0.61
N PRO B 235 -8.28 21.73 -0.38
CA PRO B 235 -9.72 21.51 -0.32
C PRO B 235 -10.25 20.81 -1.58
N GLU B 236 -9.75 21.17 -2.75
CA GLU B 236 -10.21 20.56 -4.01
C GLU B 236 -9.85 19.05 -4.06
N THR B 237 -8.70 18.65 -3.50
CA THR B 237 -8.39 17.24 -3.36
C THR B 237 -9.42 16.44 -2.55
N GLU B 238 -9.91 17.01 -1.45
CA GLU B 238 -10.85 16.33 -0.63
C GLU B 238 -12.19 16.16 -1.37
N VAL B 239 -12.63 17.21 -2.05
CA VAL B 239 -13.89 17.14 -2.79
C VAL B 239 -13.81 16.05 -3.87
N GLN B 240 -12.69 16.01 -4.59
CA GLN B 240 -12.50 15.05 -5.65
C GLN B 240 -12.44 13.63 -5.10
N ALA B 241 -11.74 13.44 -3.98
CA ALA B 241 -11.59 12.12 -3.39
C ALA B 241 -12.96 11.58 -2.98
N MET B 242 -13.78 12.40 -2.34
CA MET B 242 -15.08 11.96 -1.87
C MET B 242 -15.97 11.62 -3.07
N LYS B 243 -15.80 12.39 -4.13
CA LYS B 243 -16.53 12.16 -5.37
C LYS B 243 -16.16 10.81 -5.94
N THR B 244 -14.87 10.53 -6.01
CA THR B 244 -14.42 9.24 -6.49
C THR B 244 -15.04 8.12 -5.67
N LEU B 245 -14.96 8.26 -4.35
CA LEU B 245 -15.46 7.23 -3.47
C LEU B 245 -16.95 7.00 -3.67
N SER B 246 -17.70 8.02 -4.04
CA SER B 246 -19.13 7.82 -4.17
C SER B 246 -19.49 6.83 -5.30
N TYR B 247 -18.65 6.65 -6.30
CA TYR B 247 -18.90 5.62 -7.32
C TYR B 247 -18.80 4.19 -6.76
N PHE B 248 -18.12 4.01 -5.64
CA PHE B 248 -17.82 2.65 -5.10
C PHE B 248 -18.57 2.41 -3.80
N ASP B 249 -19.30 3.42 -3.33
CA ASP B 249 -19.95 3.34 -2.05
C ASP B 249 -21.10 2.34 -2.19
N ILE B 250 -21.14 1.29 -1.39
CA ILE B 250 -22.15 0.30 -1.58
C ILE B 250 -23.53 0.82 -1.25
N MET B 251 -23.65 1.89 -0.50
CA MET B 251 -25.00 2.42 -0.32
C MET B 251 -25.62 2.92 -1.62
N ASN B 252 -24.78 3.34 -2.57
CA ASN B 252 -25.21 3.83 -3.87
C ASN B 252 -25.48 2.66 -4.81
N LEU B 253 -24.75 1.56 -4.59
CA LEU B 253 -24.96 0.32 -5.35
C LEU B 253 -26.14 -0.53 -4.85
N ALA B 254 -26.54 -0.33 -3.61
CA ALA B 254 -27.43 -1.27 -2.93
C ALA B 254 -28.78 -1.44 -3.60
N ASP B 255 -29.31 -0.40 -4.22
CA ASP B 255 -30.65 -0.49 -4.80
C ASP B 255 -30.69 -1.28 -6.11
N ARG B 256 -29.52 -1.70 -6.60
CA ARG B 256 -29.42 -2.59 -7.76
C ARG B 256 -29.42 -4.08 -7.42
N VAL B 257 -29.32 -4.42 -6.14
CA VAL B 257 -29.33 -5.81 -5.71
C VAL B 257 -30.76 -6.31 -5.76
N LYS B 258 -30.98 -7.41 -6.47
CA LYS B 258 -32.33 -7.87 -6.73
C LYS B 258 -32.61 -9.24 -6.12
N VAL B 259 -31.66 -9.78 -5.38
CA VAL B 259 -31.77 -11.11 -4.77
C VAL B 259 -31.86 -11.01 -3.24
N PRO B 260 -32.22 -12.11 -2.58
CA PRO B 260 -32.30 -12.07 -1.12
C PRO B 260 -30.93 -11.79 -0.50
N VAL B 261 -30.95 -10.99 0.57
CA VAL B 261 -29.78 -10.56 1.28
C VAL B 261 -29.94 -10.80 2.77
N LEU B 262 -28.95 -11.42 3.36
CA LEU B 262 -28.80 -11.50 4.81
C LEU B 262 -27.54 -10.77 5.21
N MET B 263 -27.63 -9.93 6.24
CA MET B 263 -26.55 -9.02 6.62
C MET B 263 -26.45 -9.06 8.14
N SER B 264 -25.26 -8.83 8.63
CA SER B 264 -25.02 -8.70 10.07
C SER B 264 -24.39 -7.36 10.44
N ILE B 265 -24.49 -7.03 11.72
CA ILE B 265 -23.77 -5.91 12.33
C ILE B 265 -23.68 -6.12 13.81
N GLY B 266 -22.46 -5.95 14.34
CA GLY B 266 -22.21 -5.90 15.77
C GLY B 266 -22.25 -4.46 16.25
N LEU B 267 -22.98 -4.16 17.32
CA LEU B 267 -23.18 -2.76 17.70
C LEU B 267 -21.97 -2.06 18.33
N ILE B 268 -20.91 -2.80 18.69
CA ILE B 268 -19.69 -2.17 19.17
C ILE B 268 -18.54 -2.18 18.13
N ASP B 269 -18.90 -2.41 16.87
CA ASP B 269 -17.94 -2.47 15.76
C ASP B 269 -17.45 -1.07 15.43
N LYS B 270 -16.15 -0.81 15.69
CA LYS B 270 -15.53 0.49 15.49
C LYS B 270 -14.81 0.62 14.16
N VAL B 271 -14.77 -0.48 13.43
CA VAL B 271 -14.16 -0.60 12.11
C VAL B 271 -15.15 -0.35 11.01
N THR B 272 -16.24 -1.10 11.00
CA THR B 272 -17.39 -0.81 10.11
C THR B 272 -18.55 -0.37 11.02
N PRO B 273 -18.63 0.93 11.35
CA PRO B 273 -19.59 1.36 12.35
C PRO B 273 -21.00 1.00 11.99
N PRO B 274 -21.80 0.64 12.99
CA PRO B 274 -23.21 0.30 12.73
C PRO B 274 -23.93 1.24 11.79
N SER B 275 -23.76 2.55 11.95
CA SER B 275 -24.50 3.49 11.12
C SER B 275 -24.19 3.29 9.64
N THR B 276 -22.93 2.98 9.32
CA THR B 276 -22.52 2.73 7.93
C THR B 276 -23.15 1.48 7.34
N VAL B 277 -23.31 0.46 8.17
CA VAL B 277 -23.91 -0.78 7.71
C VAL B 277 -25.43 -0.62 7.56
N PHE B 278 -26.10 0.00 8.54
CA PHE B 278 -27.53 0.31 8.41
C PHE B 278 -27.78 1.14 7.16
N ALA B 279 -26.88 2.07 6.82
CA ALA B 279 -27.09 2.88 5.60
C ALA B 279 -27.16 1.95 4.39
N ALA B 280 -26.17 1.05 4.24
CA ALA B 280 -26.22 0.09 3.12
C ALA B 280 -27.50 -0.73 3.15
N TYR B 281 -27.82 -1.28 4.32
CA TYR B 281 -29.03 -2.07 4.47
C TYR B 281 -30.29 -1.34 4.10
N ASN B 282 -30.40 -0.10 4.57
CA ASN B 282 -31.62 0.66 4.35
C ASN B 282 -31.81 1.12 2.90
N HIS B 283 -30.76 1.05 2.08
CA HIS B 283 -30.83 1.38 0.65
C HIS B 283 -31.13 0.17 -0.23
N LEU B 284 -31.03 -1.04 0.33
CA LEU B 284 -31.50 -2.23 -0.36
C LEU B 284 -33.01 -2.15 -0.55
N GLU B 285 -33.43 -2.58 -1.73
CA GLU B 285 -34.83 -2.71 -2.12
C GLU B 285 -35.01 -4.14 -2.67
N THR B 286 -35.08 -5.07 -1.74
CA THR B 286 -35.06 -6.49 -2.06
C THR B 286 -35.38 -7.27 -0.81
N LYS B 287 -35.67 -8.55 -0.95
CA LYS B 287 -35.89 -9.40 0.23
C LYS B 287 -34.62 -9.36 1.09
N LYS B 288 -34.74 -8.97 2.37
CA LYS B 288 -33.55 -8.69 3.18
C LYS B 288 -33.82 -8.85 4.66
N GLU B 289 -32.75 -9.12 5.38
CA GLU B 289 -32.80 -9.22 6.82
C GLU B 289 -31.44 -8.79 7.37
N LEU B 290 -31.48 -7.99 8.43
CA LEU B 290 -30.28 -7.56 9.11
C LEU B 290 -30.32 -8.14 10.50
N LYS B 291 -29.27 -8.90 10.82
CA LYS B 291 -29.11 -9.47 12.13
C LYS B 291 -28.17 -8.57 12.93
N VAL B 292 -28.70 -8.08 14.04
CA VAL B 292 -27.99 -7.13 14.91
C VAL B 292 -27.54 -7.86 16.16
N TYR B 293 -26.24 -7.77 16.45
CA TYR B 293 -25.65 -8.42 17.60
C TYR B 293 -25.07 -7.36 18.55
N ARG B 294 -25.77 -7.16 19.66
CA ARG B 294 -25.42 -6.10 20.59
C ARG B 294 -23.98 -6.18 21.10
N TYR B 295 -23.51 -7.39 21.39
CA TYR B 295 -22.27 -7.57 22.17
C TYR B 295 -21.06 -7.86 21.32
N PHE B 296 -21.22 -7.86 19.99
CA PHE B 296 -20.11 -8.17 19.08
C PHE B 296 -19.64 -6.93 18.33
N GLY B 297 -18.37 -6.94 17.98
CA GLY B 297 -17.72 -5.92 17.16
C GLY B 297 -17.30 -6.49 15.82
N HIS B 298 -16.09 -6.11 15.37
CA HIS B 298 -15.61 -6.49 14.05
C HIS B 298 -14.93 -7.83 14.16
N GLU B 299 -15.74 -8.88 14.13
CA GLU B 299 -15.25 -10.21 14.49
C GLU B 299 -16.21 -11.30 14.09
N TYR B 300 -15.72 -12.53 14.12
CA TYR B 300 -16.52 -13.71 13.92
C TYR B 300 -17.66 -13.76 14.96
N ILE B 301 -18.90 -13.83 14.46
CA ILE B 301 -20.08 -14.00 15.28
C ILE B 301 -20.67 -15.41 15.05
N PRO B 302 -20.50 -16.32 16.03
CA PRO B 302 -20.93 -17.72 15.87
C PRO B 302 -22.41 -17.80 15.44
N ALA B 303 -23.26 -17.00 16.05
CA ALA B 303 -24.68 -17.18 15.79
C ALA B 303 -24.98 -16.82 14.34
N PHE B 304 -24.27 -15.85 13.81
CA PHE B 304 -24.51 -15.43 12.43
C PHE B 304 -24.07 -16.49 11.43
N GLN B 305 -23.03 -17.26 11.78
CA GLN B 305 -22.61 -18.35 10.92
C GLN B 305 -23.73 -19.36 10.75
N THR B 306 -24.50 -19.63 11.81
CA THR B 306 -25.66 -20.52 11.74
C THR B 306 -26.71 -19.93 10.79
N GLU B 307 -26.96 -18.63 10.92
CA GLU B 307 -27.92 -17.94 10.07
C GLU B 307 -27.52 -18.06 8.58
N LYS B 308 -26.21 -17.89 8.32
CA LYS B 308 -25.63 -17.85 6.97
C LYS B 308 -25.77 -19.23 6.33
N LEU B 309 -25.45 -20.27 7.09
CA LEU B 309 -25.49 -21.64 6.59
C LEU B 309 -26.96 -21.95 6.28
N ALA B 310 -27.90 -21.54 7.16
CA ALA B 310 -29.32 -21.83 6.98
C ALA B 310 -29.88 -21.09 5.77
N PHE B 311 -29.43 -19.89 5.54
CA PHE B 311 -29.84 -19.05 4.42
C PHE B 311 -29.40 -19.63 3.11
N PHE B 312 -28.14 -20.05 3.02
CA PHE B 312 -27.66 -20.64 1.77
C PHE B 312 -28.26 -22.02 1.53
N LYS B 313 -28.56 -22.75 2.59
CA LYS B 313 -29.23 -24.04 2.41
C LYS B 313 -30.63 -23.80 1.85
N GLN B 314 -31.31 -22.77 2.34
CA GLN B 314 -32.65 -22.43 1.91
C GLN B 314 -32.65 -22.04 0.42
N HIS B 315 -31.76 -21.12 0.07
CA HIS B 315 -31.73 -20.53 -1.27
C HIS B 315 -30.99 -21.30 -2.35
N LEU B 316 -29.98 -22.09 -1.98
CA LEU B 316 -29.13 -22.78 -2.99
C LEU B 316 -29.31 -24.31 -3.19
N LYS B 317 -29.85 -24.92 -2.14
CA LYS B 317 -30.03 -26.38 -2.09
C LYS B 317 -31.49 -26.73 -2.24
#